data_8HV7
#
_entry.id   8HV7
#
_cell.length_a   144.874
_cell.length_b   144.874
_cell.length_c   144.874
_cell.angle_alpha   90.00
_cell.angle_beta   90.00
_cell.angle_gamma   90.00
#
_symmetry.space_group_name_H-M   'I 2 3'
#
loop_
_entity.id
_entity.type
_entity.pdbx_description
1 polymer 'Epidermal growth factor receptor'
2 non-polymer 3,6,9,12,15,18,21,24-OCTAOXAHEXACOSAN-1-OL
3 non-polymer ~{N}-[7-(dimethylamino)-2-methyl-pyrazolo[1,5-a]pyrimidin-5-yl]prop-2-enamide
4 non-polymer 'DIMETHYL SULFOXIDE'
5 water water
#
_entity_poly.entity_id   1
_entity_poly.type   'polypeptide(L)'
_entity_poly.pdbx_seq_one_letter_code
;GSGEAPNQALLRILKETEFKKIKVLGSGAFGTVYKGLWIPEGEKVKIPVAIKELREATSPKANKEILDEAYVMASVDNPH
VCRLLGICLTSTVQLIMQLMPFGSLLDYVREHKDNIGSQYLLNWCVQIAKGMNYLEDRRLVHRDLAARNVLVKTPQHVKI
TDFGRAKLLGAAAAEYHAEGGKVPIKWMALESILHRIYTHQSDVWSYGVTVWELMTFGSKPYDGIPASEISSILEKGERL
PQPPICTIDVYMIMVKCWMIDADSRPKFRELIIEFSKMARDPQRYLVIQGDERMHLPSPTDSNFYRALMDEEDMDDVVDA
DEYLIPQQGNS
;
_entity_poly.pdbx_strand_id   A
#
loop_
_chem_comp.id
_chem_comp.type
_chem_comp.name
_chem_comp.formula
DMS non-polymer 'DIMETHYL SULFOXIDE' 'C2 H6 O S'
N8O non-polymer ~{N}-[7-(dimethylamino)-2-methyl-pyrazolo[1,5-a]pyrimidin-5-yl]prop-2-enamide 'C12 H15 N5 O'
PE5 non-polymer 3,6,9,12,15,18,21,24-OCTAOXAHEXACOSAN-1-OL 'C18 H38 O9'
#
# COMPACT_ATOMS: atom_id res chain seq x y z
N GLY A 3 -1.76 -7.37 29.43
CA GLY A 3 -1.11 -6.49 28.44
C GLY A 3 -1.76 -6.58 27.08
N GLU A 4 -1.15 -7.36 26.16
CA GLU A 4 -1.58 -7.51 24.74
C GLU A 4 -1.85 -8.98 24.41
N ALA A 5 -2.57 -9.21 23.32
CA ALA A 5 -2.94 -10.55 22.83
C ALA A 5 -1.74 -11.15 22.09
N PRO A 6 -1.42 -12.44 22.34
CA PRO A 6 -0.29 -13.08 21.66
C PRO A 6 -0.48 -13.24 20.15
N ASN A 7 0.62 -13.05 19.45
CA ASN A 7 0.69 -13.08 17.98
C ASN A 7 1.01 -14.52 17.55
N GLN A 8 0.00 -15.29 17.22
CA GLN A 8 0.14 -16.73 16.90
C GLN A 8 0.31 -16.94 15.39
N ALA A 9 0.47 -15.86 14.63
CA ALA A 9 0.76 -15.95 13.19
C ALA A 9 1.92 -16.94 12.99
N LEU A 10 1.89 -17.69 11.90
CA LEU A 10 2.93 -18.69 11.56
C LEU A 10 3.95 -18.06 10.61
N LEU A 11 5.24 -18.20 10.90
CA LEU A 11 6.32 -17.83 9.94
C LEU A 11 6.71 -19.09 9.16
N ARG A 12 6.43 -19.12 7.86
CA ARG A 12 6.70 -20.33 7.03
C ARG A 12 8.10 -20.20 6.45
N ILE A 13 8.99 -21.15 6.77
CA ILE A 13 10.35 -21.22 6.17
C ILE A 13 10.24 -22.12 4.95
N LEU A 14 10.65 -21.62 3.79
CA LEU A 14 10.60 -22.35 2.50
C LEU A 14 12.03 -22.82 2.10
N LYS A 15 12.10 -24.00 1.47
CA LYS A 15 13.30 -24.51 0.76
C LYS A 15 13.49 -23.69 -0.52
N GLU A 16 14.72 -23.38 -0.91
CA GLU A 16 15.02 -22.62 -2.16
C GLU A 16 14.56 -23.41 -3.39
N THR A 17 14.52 -24.73 -3.30
CA THR A 17 14.14 -25.65 -4.39
C THR A 17 12.63 -25.59 -4.63
N GLU A 18 11.85 -25.06 -3.68
CA GLU A 18 10.37 -24.99 -3.75
C GLU A 18 9.94 -23.94 -4.79
N PHE A 19 10.81 -23.03 -5.20
CA PHE A 19 10.40 -21.95 -6.14
C PHE A 19 11.48 -21.75 -7.19
N LYS A 20 11.08 -21.31 -8.39
CA LYS A 20 12.01 -20.82 -9.45
C LYS A 20 11.76 -19.32 -9.67
N LYS A 21 12.85 -18.52 -9.65
CA LYS A 21 12.89 -17.10 -10.10
C LYS A 21 12.78 -17.10 -11.63
N ILE A 22 11.78 -16.41 -12.16
CA ILE A 22 11.42 -16.41 -13.60
C ILE A 22 12.01 -15.16 -14.28
N LYS A 23 12.09 -14.03 -13.57
CA LYS A 23 12.57 -12.74 -14.13
C LYS A 23 12.76 -11.74 -12.98
N VAL A 24 13.36 -10.59 -13.27
CA VAL A 24 13.64 -9.49 -12.32
C VAL A 24 12.64 -8.34 -12.52
N LEU A 25 12.14 -7.81 -11.42
CA LEU A 25 11.07 -6.78 -11.42
C LEU A 25 11.68 -5.43 -11.06
N GLY A 26 12.65 -5.38 -10.16
CA GLY A 26 13.24 -4.11 -9.65
C GLY A 26 14.62 -4.38 -9.08
N SER A 27 15.48 -3.36 -9.00
CA SER A 27 16.94 -3.52 -8.71
C SER A 27 17.54 -2.19 -8.23
N THR A 32 16.54 -5.95 -4.70
CA THR A 32 16.22 -6.83 -5.86
C THR A 32 14.93 -7.63 -5.62
N VAL A 33 13.90 -7.42 -6.45
CA VAL A 33 12.62 -8.19 -6.41
C VAL A 33 12.50 -9.02 -7.70
N TYR A 34 12.13 -10.29 -7.58
CA TYR A 34 11.93 -11.20 -8.74
C TYR A 34 10.47 -11.63 -8.82
N LYS A 35 10.01 -11.89 -10.05
CA LYS A 35 8.75 -12.59 -10.38
C LYS A 35 9.10 -14.07 -10.44
N GLY A 36 8.40 -14.92 -9.70
CA GLY A 36 8.70 -16.36 -9.68
C GLY A 36 7.47 -17.22 -9.55
N LEU A 37 7.66 -18.54 -9.48
CA LEU A 37 6.60 -19.50 -9.12
C LEU A 37 7.02 -20.27 -7.89
N TRP A 38 6.07 -20.50 -6.99
CA TRP A 38 6.29 -21.29 -5.77
C TRP A 38 5.44 -22.57 -5.87
N ILE A 39 6.07 -23.72 -5.73
CA ILE A 39 5.38 -25.04 -5.66
C ILE A 39 5.57 -25.56 -4.24
N PRO A 40 4.59 -25.37 -3.34
CA PRO A 40 4.69 -25.91 -1.99
C PRO A 40 5.04 -27.40 -2.07
N GLU A 41 5.93 -27.89 -1.19
CA GLU A 41 6.48 -29.29 -1.23
C GLU A 41 5.28 -30.24 -1.26
N GLY A 42 5.22 -31.09 -2.30
CA GLY A 42 4.14 -32.09 -2.51
C GLY A 42 2.76 -31.51 -2.25
N GLU A 43 2.38 -30.44 -2.98
CA GLU A 43 1.00 -29.91 -2.97
C GLU A 43 0.40 -29.91 -4.38
N LYS A 44 1.21 -29.84 -5.43
CA LYS A 44 0.68 -29.90 -6.82
C LYS A 44 -0.19 -28.65 -7.04
N VAL A 45 0.31 -27.49 -6.57
CA VAL A 45 -0.17 -26.11 -6.94
C VAL A 45 1.06 -25.30 -7.35
N LYS A 46 0.86 -24.26 -8.16
CA LYS A 46 1.89 -23.30 -8.58
C LYS A 46 1.38 -21.90 -8.24
N ILE A 47 2.14 -21.14 -7.45
CA ILE A 47 1.64 -19.85 -6.91
C ILE A 47 2.54 -18.76 -7.45
N PRO A 48 2.02 -17.87 -8.32
CA PRO A 48 2.80 -16.74 -8.82
C PRO A 48 3.23 -15.87 -7.62
N VAL A 49 4.51 -15.58 -7.51
CA VAL A 49 5.08 -14.92 -6.30
C VAL A 49 6.03 -13.81 -6.73
N ALA A 50 6.14 -12.81 -5.86
CA ALA A 50 7.19 -11.78 -5.86
C ALA A 50 8.15 -12.13 -4.72
N ILE A 51 9.45 -12.10 -5.01
CA ILE A 51 10.56 -12.59 -4.13
C ILE A 51 11.52 -11.42 -3.91
N LYS A 52 11.55 -10.90 -2.68
CA LYS A 52 12.44 -9.80 -2.23
C LYS A 52 13.67 -10.41 -1.53
N GLU A 53 14.82 -10.41 -2.22
CA GLU A 53 16.11 -11.06 -1.81
C GLU A 53 17.10 -9.93 -1.49
N LEU A 54 17.55 -9.83 -0.24
CA LEU A 54 18.61 -8.88 0.21
C LEU A 54 19.85 -9.06 -0.68
N ARG A 55 20.43 -7.97 -1.21
CA ARG A 55 21.58 -8.00 -2.16
C ARG A 55 22.89 -8.20 -1.37
N GLU A 56 23.29 -7.19 -0.58
CA GLU A 56 24.53 -7.15 0.25
C GLU A 56 24.64 -8.43 1.07
N ALA A 57 23.71 -8.64 2.01
CA ALA A 57 23.61 -9.84 2.87
C ALA A 57 24.73 -9.85 3.93
N THR A 58 25.68 -8.90 3.87
CA THR A 58 26.83 -8.76 4.80
C THR A 58 26.50 -7.65 5.82
N SER A 59 25.38 -6.95 5.67
CA SER A 59 24.90 -5.91 6.63
C SER A 59 23.93 -6.56 7.61
N PRO A 60 24.36 -6.84 8.87
CA PRO A 60 23.42 -7.23 9.93
C PRO A 60 22.29 -6.22 10.17
N LYS A 61 22.55 -4.91 10.02
CA LYS A 61 21.51 -3.85 10.13
C LYS A 61 20.38 -4.15 9.12
N ALA A 62 20.73 -4.39 7.85
CA ALA A 62 19.80 -4.66 6.73
C ALA A 62 18.89 -5.84 7.05
N ASN A 63 19.46 -6.93 7.58
CA ASN A 63 18.77 -8.22 7.89
C ASN A 63 17.74 -8.03 9.00
N LYS A 64 17.93 -7.03 9.86
CA LYS A 64 17.02 -6.71 10.98
C LYS A 64 15.85 -5.89 10.43
N GLU A 65 15.99 -5.33 9.23
CA GLU A 65 14.97 -4.46 8.59
C GLU A 65 14.00 -5.32 7.77
N ILE A 66 14.50 -6.35 7.09
CA ILE A 66 13.69 -7.23 6.20
C ILE A 66 12.92 -8.23 7.08
N LEU A 67 13.47 -8.60 8.25
CA LEU A 67 12.78 -9.58 9.12
C LEU A 67 11.67 -8.88 9.91
N ASP A 68 11.83 -7.59 10.19
CA ASP A 68 10.76 -6.73 10.77
C ASP A 68 9.60 -6.69 9.79
N GLU A 69 9.92 -6.58 8.49
CA GLU A 69 8.88 -6.52 7.43
C GLU A 69 8.18 -7.89 7.37
N ALA A 70 8.96 -8.97 7.45
CA ALA A 70 8.45 -10.35 7.41
C ALA A 70 7.53 -10.54 8.62
N TYR A 71 7.99 -10.13 9.82
CA TYR A 71 7.17 -10.18 11.05
C TYR A 71 5.77 -9.58 10.78
N VAL A 72 5.73 -8.36 10.26
CA VAL A 72 4.46 -7.60 10.09
C VAL A 72 3.60 -8.29 9.03
N MET A 73 4.19 -8.65 7.89
CA MET A 73 3.42 -9.24 6.75
C MET A 73 2.87 -10.62 7.13
N ALA A 74 3.53 -11.33 8.05
CA ALA A 74 3.09 -12.66 8.52
C ALA A 74 1.89 -12.48 9.45
N SER A 75 1.80 -11.32 10.08
CA SER A 75 0.78 -11.06 11.13
C SER A 75 -0.47 -10.41 10.53
N VAL A 76 -0.56 -10.20 9.21
CA VAL A 76 -1.75 -9.51 8.63
C VAL A 76 -2.51 -10.44 7.70
N ASP A 77 -3.83 -10.50 7.84
CA ASP A 77 -4.70 -11.30 6.95
C ASP A 77 -5.95 -10.49 6.60
N ASN A 78 -5.91 -9.74 5.51
CA ASN A 78 -7.06 -8.96 5.03
C ASN A 78 -6.99 -8.90 3.51
N PRO A 79 -8.12 -8.99 2.78
CA PRO A 79 -8.08 -8.91 1.32
C PRO A 79 -7.45 -7.65 0.73
N HIS A 80 -7.33 -6.56 1.50
CA HIS A 80 -6.77 -5.32 0.94
C HIS A 80 -5.38 -5.02 1.53
N VAL A 81 -4.79 -6.03 2.17
CA VAL A 81 -3.41 -5.89 2.75
C VAL A 81 -2.60 -7.09 2.28
N CYS A 82 -1.43 -6.82 1.69
CA CYS A 82 -0.52 -7.87 1.18
C CYS A 82 0.11 -8.61 2.35
N ARG A 83 0.15 -9.95 2.32
CA ARG A 83 0.73 -10.74 3.43
C ARG A 83 1.96 -11.52 2.93
N LEU A 84 2.69 -12.17 3.85
CA LEU A 84 3.91 -12.93 3.51
C LEU A 84 3.54 -14.42 3.43
N LEU A 85 3.84 -15.03 2.29
CA LEU A 85 3.66 -16.48 2.09
C LEU A 85 4.69 -17.25 2.95
N GLY A 86 5.96 -16.86 2.91
CA GLY A 86 7.03 -17.43 3.76
C GLY A 86 8.36 -16.72 3.54
N ILE A 87 9.40 -17.10 4.29
CA ILE A 87 10.79 -16.64 4.02
C ILE A 87 11.68 -17.83 3.66
N CYS A 88 12.73 -17.55 2.91
CA CYS A 88 13.81 -18.53 2.63
C CYS A 88 15.12 -18.00 3.23
N LEU A 89 15.80 -18.86 4.02
CA LEU A 89 17.01 -18.51 4.83
C LEU A 89 18.28 -19.02 4.14
N THR A 90 18.51 -18.60 2.90
CA THR A 90 19.73 -18.89 2.11
C THR A 90 20.78 -17.84 2.50
N SER A 91 21.98 -17.86 1.89
CA SER A 91 23.02 -16.81 2.11
C SER A 91 22.29 -15.50 2.36
N THR A 92 21.38 -15.19 1.43
CA THR A 92 20.52 -13.99 1.37
C THR A 92 19.12 -14.38 1.84
N VAL A 93 18.59 -13.65 2.83
CA VAL A 93 17.15 -13.72 3.22
C VAL A 93 16.30 -13.31 2.00
N GLN A 94 15.33 -14.15 1.63
CA GLN A 94 14.32 -13.86 0.58
C GLN A 94 12.92 -13.82 1.22
N LEU A 95 12.18 -12.73 1.03
CA LEU A 95 10.75 -12.64 1.39
C LEU A 95 9.94 -13.13 0.20
N ILE A 96 9.03 -14.08 0.43
CA ILE A 96 8.13 -14.60 -0.64
C ILE A 96 6.70 -14.13 -0.38
N MET A 97 6.13 -13.45 -1.37
CA MET A 97 4.81 -12.79 -1.30
C MET A 97 4.02 -13.12 -2.57
N GLN A 98 2.69 -12.98 -2.50
CA GLN A 98 1.75 -13.00 -3.67
C GLN A 98 2.31 -12.09 -4.76
N LEU A 99 2.41 -12.59 -6.00
CA LEU A 99 2.74 -11.72 -7.15
C LEU A 99 1.60 -10.73 -7.35
N MET A 100 1.91 -9.44 -7.41
CA MET A 100 0.87 -8.42 -7.76
C MET A 100 1.14 -7.97 -9.19
N PRO A 101 0.61 -8.71 -10.20
CA PRO A 101 1.14 -8.65 -11.57
C PRO A 101 1.16 -7.24 -12.22
N PHE A 102 0.18 -6.38 -11.91
CA PHE A 102 -0.01 -5.07 -12.58
C PHE A 102 0.82 -3.97 -11.92
N GLY A 103 1.58 -4.32 -10.88
CA GLY A 103 2.58 -3.42 -10.26
C GLY A 103 1.92 -2.46 -9.31
N SER A 104 2.59 -1.34 -9.01
CA SER A 104 2.13 -0.33 -8.04
C SER A 104 1.00 0.45 -8.69
N LEU A 105 0.09 0.91 -7.87
CA LEU A 105 -1.06 1.74 -8.31
C LEU A 105 -0.51 3.06 -8.85
N LEU A 106 0.55 3.62 -8.23
CA LEU A 106 1.22 4.85 -8.78
C LEU A 106 1.57 4.63 -10.26
N ASP A 107 2.32 3.59 -10.56
CA ASP A 107 2.78 3.32 -11.94
C ASP A 107 1.54 3.10 -12.81
N TYR A 108 0.51 2.48 -12.27
CA TYR A 108 -0.67 2.04 -13.06
C TYR A 108 -1.53 3.26 -13.45
N VAL A 109 -1.72 4.20 -12.54
CA VAL A 109 -2.55 5.40 -12.87
C VAL A 109 -1.77 6.25 -13.88
N ARG A 110 -0.44 6.36 -13.74
CA ARG A 110 0.43 7.08 -14.71
C ARG A 110 0.28 6.45 -16.09
N GLU A 111 0.48 5.14 -16.17
CA GLU A 111 0.51 4.37 -17.43
C GLU A 111 -0.88 4.40 -18.08
N HIS A 112 -1.96 4.43 -17.32
CA HIS A 112 -3.31 4.19 -17.90
C HIS A 112 -4.26 5.40 -17.70
N LYS A 113 -3.76 6.60 -17.38
CA LYS A 113 -4.62 7.80 -17.06
C LYS A 113 -5.82 7.89 -17.99
N ASP A 114 -5.67 7.47 -19.25
CA ASP A 114 -6.66 7.71 -20.34
C ASP A 114 -7.79 6.68 -20.25
N ASN A 115 -7.60 5.60 -19.52
CA ASN A 115 -8.56 4.46 -19.52
C ASN A 115 -9.11 4.20 -18.12
N ILE A 116 -8.95 5.13 -17.19
CA ILE A 116 -9.37 4.91 -15.77
C ILE A 116 -10.62 5.75 -15.48
N GLY A 117 -11.74 5.07 -15.23
CA GLY A 117 -13.01 5.70 -14.92
C GLY A 117 -13.18 5.97 -13.44
N SER A 118 -14.22 6.74 -13.12
CA SER A 118 -14.61 7.16 -11.76
C SER A 118 -14.85 5.94 -10.87
N GLN A 119 -15.49 4.90 -11.41
CA GLN A 119 -15.85 3.68 -10.62
C GLN A 119 -14.57 3.06 -10.04
N TYR A 120 -13.53 2.92 -10.86
CA TYR A 120 -12.24 2.32 -10.43
C TYR A 120 -11.58 3.17 -9.36
N LEU A 121 -11.44 4.48 -9.62
CA LEU A 121 -10.78 5.40 -8.66
C LEU A 121 -11.46 5.32 -7.28
N LEU A 122 -12.79 5.37 -7.22
CA LEU A 122 -13.51 5.44 -5.93
C LEU A 122 -13.44 4.06 -5.27
N ASN A 123 -13.56 2.98 -6.05
CA ASN A 123 -13.41 1.61 -5.51
C ASN A 123 -12.00 1.47 -4.92
N TRP A 124 -10.98 1.98 -5.58
CA TRP A 124 -9.61 1.92 -5.02
C TRP A 124 -9.57 2.66 -3.68
N CYS A 125 -10.15 3.84 -3.59
CA CYS A 125 -10.18 4.64 -2.35
C CYS A 125 -10.86 3.83 -1.24
N VAL A 126 -11.94 3.12 -1.56
CA VAL A 126 -12.65 2.22 -0.61
C VAL A 126 -11.73 1.08 -0.18
N GLN A 127 -11.16 0.35 -1.14
CA GLN A 127 -10.30 -0.82 -0.86
C GLN A 127 -9.14 -0.41 0.05
N ILE A 128 -8.46 0.69 -0.27
CA ILE A 128 -7.31 1.20 0.54
C ILE A 128 -7.81 1.64 1.93
N ALA A 129 -9.04 2.16 2.04
CA ALA A 129 -9.62 2.56 3.33
C ALA A 129 -9.88 1.30 4.17
N LYS A 130 -10.39 0.22 3.58
CA LYS A 130 -10.56 -1.10 4.28
C LYS A 130 -9.23 -1.66 4.77
N GLY A 131 -8.21 -1.67 3.90
CA GLY A 131 -6.87 -2.15 4.29
C GLY A 131 -6.41 -1.42 5.54
N MET A 132 -6.55 -0.09 5.52
CA MET A 132 -6.02 0.80 6.58
C MET A 132 -6.87 0.63 7.83
N ASN A 133 -8.17 0.45 7.67
CA ASN A 133 -9.08 0.17 8.82
C ASN A 133 -8.68 -1.16 9.48
N TYR A 134 -8.31 -2.15 8.69
CA TYR A 134 -7.93 -3.48 9.22
C TYR A 134 -6.62 -3.33 9.98
N LEU A 135 -5.65 -2.62 9.41
CA LEU A 135 -4.37 -2.36 10.10
C LEU A 135 -4.67 -1.67 11.43
N GLU A 136 -5.59 -0.72 11.44
CA GLU A 136 -5.93 0.01 12.67
C GLU A 136 -6.57 -0.95 13.68
N ASP A 137 -7.48 -1.82 13.25
CA ASP A 137 -8.02 -2.88 14.15
C ASP A 137 -6.86 -3.64 14.81
N ARG A 138 -5.78 -3.90 14.09
CA ARG A 138 -4.62 -4.70 14.56
C ARG A 138 -3.63 -3.77 15.24
N ARG A 139 -4.09 -2.59 15.65
CA ARG A 139 -3.26 -1.57 16.35
C ARG A 139 -1.93 -1.38 15.59
N LEU A 140 -1.98 -1.23 14.27
CA LEU A 140 -0.77 -1.14 13.41
C LEU A 140 -0.76 0.20 12.68
N VAL A 141 0.34 0.94 12.82
CA VAL A 141 0.53 2.24 12.14
C VAL A 141 1.51 1.99 11.02
N HIS A 142 1.11 2.26 9.77
CA HIS A 142 1.85 1.92 8.54
C HIS A 142 3.07 2.83 8.40
N ARG A 143 2.87 4.14 8.45
CA ARG A 143 3.92 5.20 8.43
C ARG A 143 4.58 5.35 7.05
N ASP A 144 4.06 4.71 6.00
CA ASP A 144 4.55 4.96 4.61
C ASP A 144 3.44 4.65 3.59
N LEU A 145 2.18 4.92 3.93
CA LEU A 145 1.09 4.87 2.93
C LEU A 145 1.34 5.99 1.89
N ALA A 146 1.28 5.57 0.63
CA ALA A 146 1.54 6.33 -0.61
C ALA A 146 1.10 5.44 -1.76
N ALA A 147 0.77 6.03 -2.91
CA ALA A 147 0.29 5.28 -4.09
C ALA A 147 1.37 4.31 -4.55
N ARG A 148 2.65 4.61 -4.30
CA ARG A 148 3.77 3.67 -4.67
C ARG A 148 3.63 2.40 -3.81
N ASN A 149 3.10 2.50 -2.60
CA ASN A 149 3.04 1.35 -1.65
C ASN A 149 1.67 0.67 -1.68
N VAL A 150 0.91 0.84 -2.77
CA VAL A 150 -0.37 0.11 -2.99
C VAL A 150 -0.17 -0.65 -4.30
N LEU A 151 -0.36 -1.98 -4.29
CA LEU A 151 -0.12 -2.83 -5.48
C LEU A 151 -1.45 -3.25 -6.08
N VAL A 152 -1.40 -3.59 -7.36
CA VAL A 152 -2.56 -3.97 -8.19
C VAL A 152 -2.49 -5.47 -8.49
N LYS A 153 -3.38 -6.26 -7.87
CA LYS A 153 -3.54 -7.69 -8.21
C LYS A 153 -4.30 -7.78 -9.53
N THR A 154 -5.43 -7.10 -9.59
CA THR A 154 -6.23 -6.84 -10.82
C THR A 154 -6.66 -5.39 -10.76
N PRO A 155 -7.06 -4.79 -11.89
CA PRO A 155 -7.57 -3.42 -11.89
C PRO A 155 -8.75 -3.22 -10.94
N GLN A 156 -9.52 -4.29 -10.69
CA GLN A 156 -10.60 -4.37 -9.68
C GLN A 156 -10.04 -4.53 -8.24
N HIS A 157 -8.75 -4.79 -8.00
CA HIS A 157 -8.31 -5.30 -6.68
C HIS A 157 -6.91 -4.85 -6.27
N VAL A 158 -6.84 -3.99 -5.25
CA VAL A 158 -5.54 -3.44 -4.74
C VAL A 158 -5.29 -3.88 -3.29
N LYS A 159 -4.05 -3.78 -2.87
CA LYS A 159 -3.57 -4.18 -1.53
C LYS A 159 -2.45 -3.23 -1.12
N ILE A 160 -2.51 -2.76 0.11
CA ILE A 160 -1.43 -1.98 0.75
C ILE A 160 -0.25 -2.90 1.00
N THR A 161 0.95 -2.43 0.69
CA THR A 161 2.22 -3.16 0.88
C THR A 161 3.21 -2.24 1.59
N ASP A 162 4.47 -2.66 1.61
CA ASP A 162 5.65 -1.99 2.21
C ASP A 162 5.37 -1.67 3.68
N PHE A 163 5.58 -2.67 4.53
CA PHE A 163 5.58 -2.60 6.01
C PHE A 163 7.00 -2.35 6.56
N GLY A 164 7.97 -1.96 5.71
CA GLY A 164 9.30 -1.45 6.10
C GLY A 164 9.29 -0.54 7.33
N ARG A 165 8.33 0.39 7.45
CA ARG A 165 8.30 1.39 8.53
C ARG A 165 7.13 1.12 9.47
N ALA A 166 6.36 0.05 9.30
CA ALA A 166 5.15 -0.16 10.14
C ALA A 166 5.59 -0.39 11.59
N LYS A 167 4.85 0.20 12.53
CA LYS A 167 5.05 0.04 14.00
C LYS A 167 3.70 -0.18 14.67
N LEU A 168 3.72 -0.44 15.98
CA LEU A 168 2.51 -0.81 16.76
C LEU A 168 2.05 0.39 17.61
N LEU A 169 0.89 0.24 18.26
CA LEU A 169 0.34 1.18 19.29
C LEU A 169 0.03 0.40 20.58
N TYR A 176 3.59 6.77 18.37
CA TYR A 176 4.90 6.11 18.14
C TYR A 176 5.99 7.18 17.92
N HIS A 177 7.08 7.13 18.72
CA HIS A 177 8.20 8.11 18.70
C HIS A 177 9.43 7.46 18.04
N ALA A 178 9.95 8.10 16.98
CA ALA A 178 11.07 7.66 16.11
C ALA A 178 12.22 8.69 16.13
N GLU A 179 13.40 8.34 15.59
CA GLU A 179 14.65 9.14 15.64
C GLU A 179 15.50 8.94 14.35
N GLY A 180 15.01 9.41 13.19
CA GLY A 180 15.81 9.63 11.96
C GLY A 180 15.66 8.53 10.90
N GLY A 181 16.30 8.75 9.74
CA GLY A 181 16.19 7.96 8.50
C GLY A 181 15.83 8.87 7.34
N LYS A 182 15.80 8.37 6.09
CA LYS A 182 15.26 9.06 4.88
C LYS A 182 13.73 8.89 4.87
N VAL A 183 12.93 9.94 5.07
CA VAL A 183 11.46 9.86 5.38
C VAL A 183 10.61 10.51 4.29
N PRO A 184 9.33 10.08 4.15
CA PRO A 184 8.45 10.61 3.09
C PRO A 184 7.70 11.88 3.52
N ILE A 185 8.37 13.02 3.45
CA ILE A 185 7.88 14.27 4.10
C ILE A 185 6.51 14.62 3.52
N LYS A 186 6.38 14.45 2.21
CA LYS A 186 5.26 15.00 1.41
C LYS A 186 3.99 14.20 1.68
N TRP A 187 4.11 13.06 2.38
CA TRP A 187 2.98 12.16 2.71
C TRP A 187 2.69 12.24 4.20
N MET A 188 3.46 13.02 4.95
CA MET A 188 3.45 12.92 6.44
C MET A 188 2.59 14.03 7.05
N ALA A 189 1.82 13.61 8.06
CA ALA A 189 1.05 14.50 8.95
C ALA A 189 2.01 15.52 9.55
N LEU A 190 1.50 16.68 9.94
CA LEU A 190 2.32 17.78 10.50
C LEU A 190 2.94 17.28 11.80
N GLU A 191 2.14 16.61 12.65
CA GLU A 191 2.62 16.19 14.01
C GLU A 191 3.77 15.20 13.81
N SER A 192 3.82 14.51 12.66
CA SER A 192 4.87 13.52 12.35
C SER A 192 6.15 14.25 11.97
N ILE A 193 6.04 15.30 11.17
CA ILE A 193 7.25 16.03 10.68
C ILE A 193 7.89 16.74 11.88
N LEU A 194 7.08 17.36 12.74
CA LEU A 194 7.56 18.24 13.84
C LEU A 194 8.07 17.40 15.02
N HIS A 195 7.25 16.46 15.49
CA HIS A 195 7.37 15.81 16.81
C HIS A 195 7.58 14.29 16.67
N ARG A 196 7.70 13.80 15.44
CA ARG A 196 7.83 12.35 15.11
C ARG A 196 6.70 11.57 15.80
N ILE A 197 5.55 12.21 16.00
CA ILE A 197 4.29 11.52 16.40
C ILE A 197 3.67 10.87 15.14
N TYR A 198 3.24 9.63 15.30
CA TYR A 198 2.54 8.81 14.29
C TYR A 198 1.38 8.07 14.97
N THR A 199 0.18 8.18 14.40
CA THR A 199 -1.02 7.45 14.86
C THR A 199 -1.80 6.95 13.64
N HIS A 200 -2.91 6.26 13.87
CA HIS A 200 -3.85 5.86 12.79
C HIS A 200 -4.23 7.15 12.05
N GLN A 201 -4.49 8.22 12.82
CA GLN A 201 -4.78 9.58 12.31
C GLN A 201 -3.61 10.17 11.53
N SER A 202 -2.35 9.90 11.83
CA SER A 202 -1.27 10.35 10.91
C SER A 202 -1.37 9.58 9.58
N ASP A 203 -1.71 8.28 9.63
CA ASP A 203 -1.97 7.40 8.45
C ASP A 203 -3.12 7.98 7.61
N VAL A 204 -4.18 8.49 8.24
CA VAL A 204 -5.31 9.16 7.52
C VAL A 204 -4.77 10.34 6.70
N TRP A 205 -3.86 11.14 7.27
CA TRP A 205 -3.22 12.23 6.49
C TRP A 205 -2.69 11.63 5.22
N SER A 206 -1.84 10.62 5.34
CA SER A 206 -1.16 10.01 4.18
C SER A 206 -2.19 9.38 3.23
N TYR A 207 -3.32 8.86 3.76
CA TYR A 207 -4.44 8.38 2.91
C TYR A 207 -4.88 9.52 1.97
N GLY A 208 -5.15 10.69 2.56
CA GLY A 208 -5.47 11.98 1.92
C GLY A 208 -4.54 12.26 0.76
N VAL A 209 -3.24 12.26 1.01
CA VAL A 209 -2.22 12.48 -0.05
C VAL A 209 -2.29 11.33 -1.06
N THR A 210 -2.47 10.08 -0.61
CA THR A 210 -2.54 8.93 -1.54
C THR A 210 -3.72 9.13 -2.49
N VAL A 211 -4.87 9.57 -2.00
CA VAL A 211 -6.07 9.81 -2.84
C VAL A 211 -5.78 10.92 -3.86
N TRP A 212 -5.16 12.01 -3.40
CA TRP A 212 -4.72 13.10 -4.29
C TRP A 212 -3.84 12.53 -5.42
N GLU A 213 -2.89 11.64 -5.15
CA GLU A 213 -2.05 11.03 -6.22
C GLU A 213 -2.95 10.33 -7.23
N LEU A 214 -3.93 9.54 -6.80
CA LEU A 214 -4.81 8.79 -7.74
C LEU A 214 -5.65 9.78 -8.57
N MET A 215 -6.22 10.83 -7.97
CA MET A 215 -7.19 11.74 -8.63
C MET A 215 -6.43 12.65 -9.61
N THR A 216 -5.12 12.87 -9.40
CA THR A 216 -4.26 13.61 -10.36
C THR A 216 -3.50 12.63 -11.26
N PHE A 217 -3.91 11.37 -11.33
CA PHE A 217 -3.28 10.32 -12.17
C PHE A 217 -1.79 10.19 -11.91
N GLY A 218 -1.37 10.38 -10.67
CA GLY A 218 0.02 10.14 -10.24
C GLY A 218 0.87 11.37 -10.30
N SER A 219 0.34 12.54 -9.99
CA SER A 219 1.16 13.77 -9.92
C SER A 219 1.95 13.73 -8.63
N LYS A 220 3.15 14.30 -8.63
CA LYS A 220 4.04 14.37 -7.46
C LYS A 220 3.48 15.48 -6.60
N PRO A 221 3.16 15.21 -5.32
CA PRO A 221 2.61 16.23 -4.45
C PRO A 221 3.67 17.28 -4.12
N TYR A 222 3.26 18.56 -4.06
CA TYR A 222 4.16 19.70 -3.81
C TYR A 222 5.32 19.58 -4.80
N ASP A 223 5.04 19.32 -6.09
CA ASP A 223 6.12 19.06 -7.09
C ASP A 223 7.04 20.29 -7.13
N GLY A 224 8.36 20.05 -7.10
CA GLY A 224 9.41 21.08 -7.11
C GLY A 224 9.36 21.97 -5.87
N ILE A 225 8.91 21.47 -4.73
CA ILE A 225 9.03 22.16 -3.41
C ILE A 225 10.04 21.37 -2.57
N PRO A 226 11.08 22.02 -1.97
CA PRO A 226 12.05 21.31 -1.15
C PRO A 226 11.41 20.85 0.17
N ALA A 227 11.78 19.64 0.62
CA ALA A 227 11.19 18.97 1.81
C ALA A 227 11.32 19.85 3.06
N SER A 228 12.39 20.64 3.18
CA SER A 228 12.60 21.60 4.29
C SER A 228 11.49 22.64 4.33
N GLU A 229 10.89 22.99 3.18
CA GLU A 229 9.80 24.00 3.06
C GLU A 229 8.49 23.44 3.65
N ILE A 230 8.27 22.13 3.48
CA ILE A 230 6.93 21.47 3.63
C ILE A 230 6.35 21.78 5.00
N SER A 231 7.12 21.62 6.07
CA SER A 231 6.63 21.84 7.45
C SER A 231 6.03 23.25 7.58
N SER A 232 6.66 24.27 6.94
CA SER A 232 6.32 25.70 7.12
C SER A 232 5.02 26.03 6.37
N ILE A 233 4.98 25.60 5.10
CA ILE A 233 3.80 25.67 4.17
C ILE A 233 2.55 25.14 4.87
N LEU A 234 2.66 24.00 5.55
CA LEU A 234 1.49 23.36 6.21
C LEU A 234 1.08 24.13 7.46
N GLU A 235 2.03 24.79 8.16
CA GLU A 235 1.69 25.56 9.38
C GLU A 235 0.99 26.85 8.92
N LYS A 236 1.44 27.39 7.77
CA LYS A 236 0.90 28.60 7.06
C LYS A 236 -0.54 28.31 6.58
N GLY A 237 -0.94 27.04 6.51
CA GLY A 237 -2.33 26.59 6.34
C GLY A 237 -2.61 26.12 4.93
N GLU A 238 -1.55 26.07 4.10
CA GLU A 238 -1.59 25.62 2.68
C GLU A 238 -1.76 24.10 2.64
N ARG A 239 -2.45 23.61 1.60
CA ARG A 239 -2.64 22.17 1.32
C ARG A 239 -2.53 21.95 -0.18
N LEU A 240 -2.48 20.70 -0.60
CA LEU A 240 -2.44 20.31 -2.02
C LEU A 240 -3.70 20.83 -2.67
N PRO A 241 -3.68 21.23 -3.97
CA PRO A 241 -4.86 21.79 -4.63
C PRO A 241 -5.92 20.74 -5.03
N GLN A 242 -7.15 21.19 -5.20
CA GLN A 242 -8.29 20.41 -5.74
C GLN A 242 -7.93 19.89 -7.11
N PRO A 243 -7.80 18.57 -7.33
CA PRO A 243 -7.59 18.05 -8.68
C PRO A 243 -8.77 18.32 -9.61
N PRO A 244 -8.49 18.63 -10.89
CA PRO A 244 -9.53 18.81 -11.90
C PRO A 244 -10.75 17.88 -11.85
N ILE A 245 -10.52 16.58 -11.69
CA ILE A 245 -11.62 15.58 -11.85
C ILE A 245 -12.49 15.63 -10.60
N CYS A 246 -12.05 16.31 -9.55
CA CYS A 246 -12.63 16.17 -8.20
C CYS A 246 -13.75 17.18 -7.98
N THR A 247 -14.96 16.67 -7.75
CA THR A 247 -16.05 17.45 -7.15
C THR A 247 -15.57 17.91 -5.79
N ILE A 248 -16.09 19.03 -5.33
CA ILE A 248 -15.78 19.57 -3.99
C ILE A 248 -16.08 18.46 -2.96
N ASP A 249 -17.00 17.54 -3.23
CA ASP A 249 -17.39 16.48 -2.25
C ASP A 249 -16.14 15.64 -1.95
N VAL A 250 -15.49 15.19 -3.01
CA VAL A 250 -14.29 14.33 -2.92
C VAL A 250 -13.14 15.16 -2.33
N TYR A 251 -12.97 16.40 -2.75
CA TYR A 251 -11.81 17.21 -2.33
C TYR A 251 -11.98 17.59 -0.87
N MET A 252 -13.19 17.78 -0.41
CA MET A 252 -13.47 18.16 0.99
C MET A 252 -13.06 16.99 1.88
N ILE A 253 -13.19 15.78 1.37
CA ILE A 253 -12.78 14.56 2.12
C ILE A 253 -11.27 14.55 2.22
N MET A 254 -10.58 14.84 1.14
CA MET A 254 -9.09 14.93 1.18
C MET A 254 -8.67 15.98 2.22
N VAL A 255 -9.28 17.16 2.17
CA VAL A 255 -8.89 18.33 3.00
C VAL A 255 -9.10 17.99 4.48
N LYS A 256 -10.19 17.32 4.85
CA LYS A 256 -10.43 16.91 6.25
C LYS A 256 -9.30 15.95 6.72
N CYS A 257 -8.70 15.15 5.83
CA CYS A 257 -7.57 14.24 6.19
C CYS A 257 -6.33 15.08 6.55
N TRP A 258 -6.34 16.37 6.23
CA TRP A 258 -5.18 17.29 6.39
C TRP A 258 -5.48 18.38 7.43
N MET A 259 -6.47 18.17 8.29
CA MET A 259 -6.69 19.01 9.49
C MET A 259 -5.49 18.89 10.45
N ILE A 260 -5.12 19.99 11.09
CA ILE A 260 -4.03 20.03 12.09
C ILE A 260 -4.45 19.24 13.33
N ASP A 261 -5.70 19.33 13.79
CA ASP A 261 -6.16 18.49 14.92
C ASP A 261 -6.35 17.06 14.41
N ALA A 262 -5.49 16.12 14.79
CA ALA A 262 -5.49 14.71 14.31
C ALA A 262 -6.85 14.05 14.54
N ASP A 263 -7.49 14.34 15.66
CA ASP A 263 -8.83 13.78 16.02
C ASP A 263 -9.94 14.43 15.19
N SER A 264 -9.66 15.51 14.48
CA SER A 264 -10.68 16.16 13.61
C SER A 264 -10.68 15.50 12.23
N ARG A 265 -9.61 14.81 11.85
CA ARG A 265 -9.56 14.05 10.57
C ARG A 265 -10.52 12.87 10.66
N PRO A 266 -11.00 12.35 9.50
CA PRO A 266 -11.92 11.23 9.51
C PRO A 266 -11.23 9.93 9.98
N LYS A 267 -12.04 8.97 10.42
CA LYS A 267 -11.60 7.59 10.73
C LYS A 267 -11.68 6.77 9.45
N PHE A 268 -10.75 5.84 9.26
CA PHE A 268 -10.75 4.91 8.11
C PHE A 268 -12.15 4.33 7.93
N ARG A 269 -12.82 3.96 9.03
CA ARG A 269 -14.15 3.31 8.89
C ARG A 269 -15.12 4.28 8.20
N GLU A 270 -14.92 5.59 8.40
CA GLU A 270 -15.81 6.66 7.87
C GLU A 270 -15.46 6.92 6.41
N LEU A 271 -14.18 6.90 6.11
CA LEU A 271 -13.66 7.03 4.73
C LEU A 271 -14.24 5.90 3.88
N ILE A 272 -14.31 4.68 4.41
CA ILE A 272 -14.92 3.51 3.71
C ILE A 272 -16.34 3.92 3.37
N ILE A 273 -17.09 4.32 4.39
CA ILE A 273 -18.53 4.65 4.26
C ILE A 273 -18.70 5.72 3.18
N GLU A 274 -18.00 6.86 3.32
CA GLU A 274 -18.20 8.05 2.45
C GLU A 274 -17.90 7.66 1.00
N PHE A 275 -16.76 7.01 0.75
CA PHE A 275 -16.33 6.63 -0.62
C PHE A 275 -17.25 5.55 -1.19
N SER A 276 -17.84 4.70 -0.36
CA SER A 276 -18.78 3.66 -0.82
C SER A 276 -20.03 4.36 -1.32
N LYS A 277 -20.55 5.29 -0.53
CA LYS A 277 -21.69 6.12 -0.94
C LYS A 277 -21.36 6.71 -2.31
N MET A 278 -20.19 7.32 -2.49
CA MET A 278 -19.79 8.01 -3.74
C MET A 278 -19.59 6.99 -4.87
N ALA A 279 -19.03 5.82 -4.57
CA ALA A 279 -18.82 4.71 -5.55
C ALA A 279 -20.15 4.15 -6.07
N ARG A 280 -21.23 4.39 -5.36
CA ARG A 280 -22.60 3.96 -5.74
C ARG A 280 -23.10 4.89 -6.85
N ASP A 281 -22.50 6.06 -6.98
CA ASP A 281 -22.91 7.02 -8.02
C ASP A 281 -21.69 7.76 -8.53
N PRO A 282 -20.73 7.07 -9.17
CA PRO A 282 -19.40 7.65 -9.40
C PRO A 282 -19.36 8.91 -10.28
N GLN A 283 -20.28 9.04 -11.22
CA GLN A 283 -20.19 10.15 -12.20
C GLN A 283 -20.67 11.43 -11.52
N ARG A 284 -21.31 11.31 -10.37
CA ARG A 284 -21.77 12.48 -9.58
C ARG A 284 -20.61 13.05 -8.76
N TYR A 285 -19.55 12.28 -8.53
CA TYR A 285 -18.43 12.68 -7.64
C TYR A 285 -17.12 12.85 -8.41
N LEU A 286 -16.94 12.21 -9.55
CA LEU A 286 -15.72 12.47 -10.33
C LEU A 286 -16.12 12.74 -11.77
N VAL A 287 -15.55 13.80 -12.34
CA VAL A 287 -15.87 14.27 -13.70
C VAL A 287 -14.62 13.99 -14.54
N ILE A 288 -14.70 12.98 -15.39
CA ILE A 288 -13.59 12.49 -16.26
C ILE A 288 -14.10 12.44 -17.71
N GLN A 289 -13.38 13.06 -18.64
CA GLN A 289 -13.69 13.03 -20.11
C GLN A 289 -13.77 11.59 -20.59
N GLY A 290 -14.93 11.16 -21.08
CA GLY A 290 -15.11 9.84 -21.71
C GLY A 290 -15.20 8.71 -20.70
N ASP A 291 -15.72 9.01 -19.51
CA ASP A 291 -15.82 8.10 -18.34
C ASP A 291 -16.60 6.84 -18.73
N GLU A 292 -17.68 7.02 -19.48
CA GLU A 292 -18.67 5.96 -19.79
C GLU A 292 -18.01 4.87 -20.66
N ARG A 293 -16.98 5.23 -21.45
CA ARG A 293 -16.33 4.36 -22.49
C ARG A 293 -15.21 3.50 -21.90
N MET A 294 -14.83 3.73 -20.63
CA MET A 294 -13.57 3.23 -19.99
C MET A 294 -13.59 1.69 -19.87
N HIS A 295 -12.50 1.01 -20.27
CA HIS A 295 -12.37 -0.49 -20.30
C HIS A 295 -10.96 -0.92 -19.89
N LEU A 296 -10.85 -1.87 -18.93
CA LEU A 296 -9.59 -2.45 -18.36
C LEU A 296 -9.79 -3.96 -18.12
N PRO A 297 -8.73 -4.80 -18.01
CA PRO A 297 -8.91 -6.22 -17.64
C PRO A 297 -9.64 -6.38 -16.30
N GLU A 311 6.39 -19.62 -18.28
CA GLU A 311 6.14 -21.03 -17.87
C GLU A 311 5.54 -21.80 -19.06
N GLU A 312 5.29 -23.11 -18.86
CA GLU A 312 4.77 -24.07 -19.88
C GLU A 312 3.35 -24.50 -19.49
N ASP A 313 3.19 -25.30 -18.42
CA ASP A 313 1.87 -25.72 -17.89
C ASP A 313 1.43 -24.76 -16.76
N MET A 314 0.37 -23.99 -17.02
CA MET A 314 -0.26 -23.09 -16.04
C MET A 314 -1.51 -23.79 -15.46
N ASP A 315 -1.61 -25.12 -15.57
CA ASP A 315 -2.85 -25.86 -15.23
C ASP A 315 -3.12 -25.79 -13.72
N ASP A 316 -2.06 -25.92 -12.93
CA ASP A 316 -2.13 -26.10 -11.45
C ASP A 316 -1.85 -24.76 -10.78
N VAL A 317 -1.77 -23.67 -11.55
CA VAL A 317 -1.64 -22.30 -11.00
C VAL A 317 -2.87 -22.00 -10.15
N VAL A 318 -2.58 -21.33 -9.03
CA VAL A 318 -3.54 -20.86 -7.99
C VAL A 318 -2.98 -19.52 -7.52
N ASP A 319 -3.77 -18.45 -7.57
CA ASP A 319 -3.39 -17.17 -6.94
C ASP A 319 -3.21 -17.43 -5.45
N ALA A 320 -2.28 -16.74 -4.81
CA ALA A 320 -2.11 -16.86 -3.34
C ALA A 320 -3.46 -16.73 -2.61
N ASP A 321 -4.37 -15.83 -3.03
CA ASP A 321 -5.67 -15.54 -2.35
C ASP A 321 -6.55 -16.79 -2.26
N GLU A 322 -6.35 -17.79 -3.11
CA GLU A 322 -7.09 -19.08 -3.05
C GLU A 322 -6.18 -20.18 -2.49
N TYR A 323 -5.02 -19.84 -1.97
CA TYR A 323 -4.10 -20.82 -1.37
C TYR A 323 -4.04 -20.56 0.13
N LEU A 324 -4.83 -21.31 0.88
CA LEU A 324 -5.03 -21.10 2.34
C LEU A 324 -4.40 -22.25 3.11
N ILE A 325 -3.89 -21.90 4.28
CA ILE A 325 -3.11 -22.76 5.21
C ILE A 325 -3.85 -22.69 6.54
N PRO A 326 -3.95 -23.81 7.31
CA PRO A 326 -4.62 -23.80 8.61
C PRO A 326 -4.01 -22.80 9.61
C48 PE5 B . -13.92 -16.29 -5.39
C50 PE5 B . -14.29 -15.91 -6.76
O1 PE5 B . -15.33 -14.93 -6.75
C1 PE5 B . -14.84 -13.62 -7.01
C2 PE5 B . -15.99 -12.66 -7.05
O2 PE5 B . -15.75 -11.57 -6.16
C3 PE5 B . -16.79 -11.38 -5.21
C4 PE5 B . -16.35 -11.87 -3.87
O3 PE5 B . -15.93 -10.77 -3.08
C5 PE5 B . -15.54 -11.16 -1.76
C6 PE5 B . -14.11 -10.81 -1.53
O4 PE5 B . -13.85 -9.50 -2.06
C7 PE5 B . -12.51 -9.07 -1.84
C8 PE5 B . -11.90 -8.67 -3.13
O5 PE5 B . -12.25 -7.32 -3.44
C9 PE5 B . -12.00 -6.99 -4.80
C10 PE5 B . -12.83 -7.84 -5.69
O6 PE5 B . -14.08 -7.20 -5.94
C11 PE5 B . -13.94 -5.89 -6.47
C12 PE5 B . -14.97 -4.99 -5.88
O7 PE5 B . -14.35 -4.03 -5.04
C13 PE5 B . -15.19 -2.93 -4.73
C14 PE5 B . -14.57 -2.11 -3.65
O8 PE5 B . -15.11 -2.47 -2.39
C15 PE5 B . -14.15 -3.08 -1.53
C16 PE5 B . -14.02 -4.53 -1.87
C01 N8O C . 5.89 -5.62 -9.56
C02 N8O C . 5.75 -6.04 -8.08
N03 N8O C . 6.47 -5.65 -7.02
N04 N8O C . 5.96 -6.29 -5.93
C05 N8O C . 6.32 -6.24 -4.62
N06 N8O C . 7.35 -5.50 -4.14
C07 N8O C . 7.74 -5.57 -2.70
C08 N8O C . 8.06 -4.61 -5.08
C09 N8O C . 5.58 -7.03 -3.73
C10 N8O C . 4.52 -7.80 -4.22
N11 N8O C . 3.76 -8.58 -3.44
C12 N8O C . 3.39 -8.17 -2.21
C13 N8O C . 2.46 -9.14 -1.45
C14 N8O C . 1.00 -8.84 -1.84
O15 N8O C . 3.75 -7.12 -1.66
N16 N8O C . 4.24 -7.79 -5.54
C17 N8O C . 4.95 -7.03 -6.37
C18 N8O C . 4.82 -6.89 -7.69
S DMS D . -2.71 18.62 -10.25
O DMS D . -1.30 19.04 -10.54
C1 DMS D . -3.65 20.10 -10.20
C2 DMS D . -3.35 17.94 -11.77
#